data_4KSQ
#
_entry.id   4KSQ
#
_cell.length_a   110.829
_cell.length_b   110.829
_cell.length_c   144.579
_cell.angle_alpha   90.000
_cell.angle_beta   90.000
_cell.angle_gamma   90.000
#
_symmetry.space_group_name_H-M   'P 41 21 2'
#
loop_
_entity.id
_entity.type
_entity.pdbx_description
1 polymer 'Serine/threonine-protein kinase B-raf'
2 non-polymer N-{7-cyano-6-[4-fluoro-3-({[3-(trifluoromethyl)phenyl]carbamoyl}amino)phenoxy]-1,3-benzothiazol-2-yl}cyclopropanecarboxamide
#
_entity_poly.entity_id   1
_entity_poly.type   'polypeptide(L)'
_entity_poly.pdbx_seq_one_letter_code
;GSDSSDDWEIPDGQITVGQRIGSGSFGTVYKGKWHGDVAVKMLNVTAPTPQQLQAFKNEVGVLRKTRHVNILLFMGYSTK
PQLAIVTQWCEGSSLYHHLHIIETKFEMIKLIDIARQTAQGMDYLHAKSIIHRDLKSNNIFLHEDLTVKIGDFGLATVKS
RWSGSHQFEQLSGSILWMAPEVIRMQDKNPYSFQSDVYAFGIVLYELMTGQLPYSNINNRDQIIFMVGRGYLSPDLSKVR
SNCPKAMKRLMAECLKKKRDERPLFPQILASIELLARSLPKIHR
;
_entity_poly.pdbx_strand_id   A,B
#
loop_
_chem_comp.id
_chem_comp.type
_chem_comp.name
_chem_comp.formula
1SW non-polymer N-{7-cyano-6-[4-fluoro-3-({[3-(trifluoromethyl)phenyl]carbamoyl}amino)phenoxy]-1,3-benzothiazol-2-yl}cyclopropanecarboxamide 'C26 H17 F4 N5 O3 S'
#
# COMPACT_ATOMS: atom_id res chain seq x y z
N ASP A 6 12.14 15.80 -3.51
CA ASP A 6 12.23 14.33 -3.71
C ASP A 6 12.72 13.97 -5.12
N ASP A 7 13.29 12.77 -5.23
CA ASP A 7 13.80 12.27 -6.51
C ASP A 7 13.50 10.77 -6.54
N TRP A 8 12.62 10.36 -7.45
CA TRP A 8 12.18 8.98 -7.49
C TRP A 8 12.83 8.16 -8.60
N GLU A 9 13.88 8.70 -9.21
CA GLU A 9 14.62 7.93 -10.23
C GLU A 9 15.27 6.73 -9.58
N ILE A 10 15.22 5.61 -10.29
CA ILE A 10 15.83 4.35 -9.85
C ILE A 10 17.14 4.17 -10.62
N PRO A 11 18.21 3.73 -9.92
CA PRO A 11 19.48 3.51 -10.64
C PRO A 11 19.40 2.39 -11.68
N ASP A 12 20.31 2.45 -12.63
CA ASP A 12 20.41 1.47 -13.70
C ASP A 12 20.79 0.09 -13.15
N GLY A 13 20.49 -0.94 -13.93
CA GLY A 13 20.84 -2.31 -13.58
C GLY A 13 20.31 -2.79 -12.25
N GLN A 14 19.23 -2.19 -11.78
CA GLN A 14 18.62 -2.61 -10.53
C GLN A 14 17.40 -3.49 -10.81
N ILE A 15 16.63 -3.14 -11.82
CA ILE A 15 15.37 -3.79 -12.10
C ILE A 15 15.59 -5.03 -12.95
N THR A 16 14.91 -6.11 -12.60
CA THR A 16 14.92 -7.31 -13.42
C THR A 16 13.55 -7.48 -14.04
N VAL A 17 13.44 -7.11 -15.31
CA VAL A 17 12.24 -7.36 -16.06
C VAL A 17 12.12 -8.86 -16.29
N GLY A 18 11.00 -9.43 -15.83
CA GLY A 18 10.69 -10.85 -16.01
C GLY A 18 9.59 -11.06 -17.05
N GLN A 19 8.80 -12.10 -16.86
CA GLN A 19 7.74 -12.49 -17.82
C GLN A 19 6.85 -11.30 -18.23
N ARG A 20 6.41 -11.35 -19.49
CA ARG A 20 5.55 -10.31 -20.04
C ARG A 20 4.13 -10.52 -19.55
N ILE A 21 3.42 -9.42 -19.36
CA ILE A 21 2.07 -9.44 -18.80
C ILE A 21 1.02 -8.86 -19.75
N GLY A 22 1.41 -7.90 -20.59
CA GLY A 22 0.49 -7.35 -21.60
C GLY A 22 1.16 -6.38 -22.56
N SER A 23 0.91 -6.58 -23.85
CA SER A 23 1.47 -5.71 -24.89
C SER A 23 0.45 -4.67 -25.34
N GLY A 24 0.93 -3.67 -26.08
CA GLY A 24 0.06 -2.62 -26.64
C GLY A 24 0.88 -1.45 -27.17
N SER A 25 0.44 -0.86 -28.28
CA SER A 25 1.25 0.13 -29.01
C SER A 25 1.71 1.37 -28.21
N PHE A 26 1.14 1.58 -27.04
CA PHE A 26 1.64 2.61 -26.11
C PHE A 26 2.96 2.17 -25.45
N GLY A 27 2.94 1.00 -24.81
CA GLY A 27 4.12 0.46 -24.13
C GLY A 27 4.00 -1.02 -23.82
N THR A 28 4.55 -1.45 -22.69
CA THR A 28 4.56 -2.86 -22.31
C THR A 28 4.68 -3.01 -20.80
N VAL A 29 4.00 -3.99 -20.22
CA VAL A 29 4.05 -4.19 -18.77
C VAL A 29 4.61 -5.57 -18.46
N TYR A 30 5.52 -5.63 -17.50
CA TYR A 30 6.18 -6.86 -17.10
C TYR A 30 6.10 -7.06 -15.61
N LYS A 31 6.08 -8.32 -15.18
CA LYS A 31 6.38 -8.62 -13.79
C LYS A 31 7.89 -8.50 -13.66
N GLY A 32 8.35 -7.96 -12.54
CA GLY A 32 9.77 -7.73 -12.33
C GLY A 32 10.20 -7.84 -10.88
N LYS A 33 11.49 -7.63 -10.66
CA LYS A 33 12.08 -7.64 -9.33
C LYS A 33 12.77 -6.31 -9.09
N TRP A 34 12.22 -5.53 -8.16
CA TRP A 34 12.93 -4.38 -7.58
C TRP A 34 12.47 -4.22 -6.14
N HIS A 35 13.29 -4.73 -5.22
CA HIS A 35 12.90 -4.82 -3.83
C HIS A 35 11.59 -5.58 -3.71
N GLY A 36 11.68 -6.85 -4.07
CA GLY A 36 10.53 -7.74 -4.11
C GLY A 36 9.87 -7.69 -5.47
N ASP A 37 8.62 -8.15 -5.52
CA ASP A 37 7.85 -8.18 -6.77
C ASP A 37 7.32 -6.81 -7.13
N VAL A 38 7.44 -6.46 -8.40
CA VAL A 38 6.93 -5.18 -8.93
C VAL A 38 6.37 -5.32 -10.34
N ALA A 39 5.60 -4.32 -10.74
CA ALA A 39 5.14 -4.20 -12.10
C ALA A 39 5.97 -3.12 -12.78
N VAL A 40 6.34 -3.37 -14.03
CA VAL A 40 7.22 -2.47 -14.78
C VAL A 40 6.60 -2.12 -16.14
N LYS A 41 6.05 -0.92 -16.27
CA LYS A 41 5.57 -0.43 -17.56
C LYS A 41 6.74 0.20 -18.30
N MET A 42 7.11 -0.36 -19.45
CA MET A 42 8.20 0.16 -20.27
C MET A 42 7.71 0.71 -21.60
N LEU A 43 8.52 1.57 -22.19
CA LEU A 43 8.26 2.04 -23.53
C LEU A 43 9.17 1.24 -24.45
N ASN A 44 8.57 0.52 -25.40
CA ASN A 44 9.31 -0.46 -26.20
C ASN A 44 9.78 0.04 -27.57
N VAL A 45 10.39 1.23 -27.57
CA VAL A 45 11.25 1.65 -28.68
C VAL A 45 12.62 2.01 -28.08
N THR A 46 13.56 2.38 -28.93
CA THR A 46 14.88 2.83 -28.47
C THR A 46 14.89 4.35 -28.28
N ALA A 47 14.51 5.08 -29.33
CA ALA A 47 14.56 6.54 -29.34
C ALA A 47 13.15 7.11 -29.15
N PRO A 48 12.82 7.58 -27.94
CA PRO A 48 11.47 8.12 -27.70
C PRO A 48 11.25 9.49 -28.36
N THR A 49 10.06 9.72 -28.90
CA THR A 49 9.70 11.01 -29.49
C THR A 49 9.43 12.04 -28.41
N PRO A 50 9.38 13.33 -28.78
CA PRO A 50 8.94 14.36 -27.84
C PRO A 50 7.58 14.07 -27.21
N GLN A 51 6.65 13.52 -27.99
CA GLN A 51 5.29 13.23 -27.51
C GLN A 51 5.25 12.07 -26.51
N GLN A 52 6.17 11.12 -26.68
CA GLN A 52 6.28 9.98 -25.75
C GLN A 52 6.95 10.40 -24.45
N LEU A 53 8.06 11.13 -24.55
CA LEU A 53 8.78 11.64 -23.37
C LEU A 53 7.88 12.52 -22.52
N GLN A 54 7.12 13.38 -23.19
CA GLN A 54 6.20 14.27 -22.51
C GLN A 54 5.16 13.48 -21.75
N ALA A 55 4.46 12.58 -22.45
CA ALA A 55 3.40 11.77 -21.85
C ALA A 55 3.86 10.92 -20.67
N PHE A 56 5.15 10.58 -20.66
CA PHE A 56 5.79 9.85 -19.58
C PHE A 56 5.95 10.73 -18.35
N LYS A 57 6.43 11.95 -18.56
CA LYS A 57 6.56 12.91 -17.48
C LYS A 57 5.20 13.27 -16.87
N ASN A 58 4.14 13.18 -17.67
CA ASN A 58 2.78 13.45 -17.20
C ASN A 58 2.22 12.34 -16.34
N GLU A 59 2.57 11.11 -16.67
CA GLU A 59 2.12 9.96 -15.89
C GLU A 59 2.85 9.91 -14.55
N VAL A 60 4.16 10.09 -14.59
CA VAL A 60 4.93 10.20 -13.35
C VAL A 60 4.40 11.38 -12.52
N GLY A 61 4.33 12.55 -13.15
CA GLY A 61 3.81 13.75 -12.50
C GLY A 61 2.53 13.53 -11.74
N VAL A 62 1.64 12.70 -12.29
CA VAL A 62 0.37 12.42 -11.64
C VAL A 62 0.59 11.44 -10.50
N LEU A 63 1.16 10.28 -10.84
CA LEU A 63 1.34 9.18 -9.90
C LEU A 63 2.04 9.58 -8.60
N ARG A 64 3.10 10.38 -8.70
CA ARG A 64 3.86 10.77 -7.52
C ARG A 64 3.07 11.69 -6.61
N LYS A 65 2.00 12.31 -7.11
CA LYS A 65 1.09 13.09 -6.28
C LYS A 65 0.05 12.24 -5.51
N THR A 66 0.12 10.91 -5.63
CA THR A 66 -0.84 10.01 -4.96
C THR A 66 -0.20 9.11 -3.91
N ARG A 67 -0.85 9.04 -2.76
CA ARG A 67 -0.46 8.16 -1.66
C ARG A 67 -1.74 7.78 -0.91
N HIS A 68 -2.28 6.61 -1.25
CA HIS A 68 -3.56 6.16 -0.71
C HIS A 68 -3.76 4.66 -0.98
N VAL A 69 -4.29 3.94 0.01
CA VAL A 69 -4.35 2.47 -0.04
C VAL A 69 -5.12 1.98 -1.26
N ASN A 70 -6.17 2.71 -1.61
CA ASN A 70 -7.01 2.38 -2.74
C ASN A 70 -6.46 2.90 -4.07
N ILE A 71 -5.23 3.41 -4.07
CA ILE A 71 -4.54 3.77 -5.31
C ILE A 71 -3.30 2.90 -5.49
N LEU A 72 -3.11 2.43 -6.73
CA LEU A 72 -1.96 1.63 -7.09
C LEU A 72 -0.71 2.37 -6.64
N LEU A 73 0.15 1.68 -5.87
CA LEU A 73 1.32 2.32 -5.29
C LEU A 73 2.47 2.54 -6.29
N PHE A 74 2.63 3.80 -6.71
CA PHE A 74 3.79 4.23 -7.47
C PHE A 74 5.05 4.08 -6.63
N MET A 75 6.10 3.51 -7.21
CA MET A 75 7.34 3.23 -6.49
C MET A 75 8.55 3.96 -7.05
N GLY A 76 8.58 4.16 -8.37
CA GLY A 76 9.69 4.88 -8.99
C GLY A 76 9.70 4.87 -10.51
N TYR A 77 10.64 5.62 -11.09
CA TYR A 77 10.79 5.71 -12.55
C TYR A 77 12.24 5.50 -12.97
N SER A 78 12.44 5.24 -14.25
CA SER A 78 13.78 5.02 -14.79
C SER A 78 13.86 5.46 -16.24
N THR A 79 14.88 6.25 -16.56
CA THR A 79 15.03 6.78 -17.90
C THR A 79 16.12 6.03 -18.67
N LYS A 80 17.28 5.88 -18.03
CA LYS A 80 18.38 5.10 -18.58
C LYS A 80 18.23 3.64 -18.15
N PRO A 81 18.29 2.69 -19.11
CA PRO A 81 18.46 2.84 -20.58
C PRO A 81 17.16 3.21 -21.26
N GLN A 82 16.13 2.39 -21.04
CA GLN A 82 14.78 2.64 -21.55
C GLN A 82 13.92 3.30 -20.48
N LEU A 83 12.93 4.06 -20.93
CA LEU A 83 11.97 4.72 -20.04
C LEU A 83 11.04 3.69 -19.44
N ALA A 84 10.85 3.77 -18.13
CA ALA A 84 10.05 2.79 -17.42
C ALA A 84 9.46 3.35 -16.13
N ILE A 85 8.27 2.86 -15.78
CA ILE A 85 7.60 3.22 -14.53
C ILE A 85 7.34 1.96 -13.72
N VAL A 86 7.60 2.03 -12.41
CA VAL A 86 7.48 0.88 -11.53
C VAL A 86 6.39 1.09 -10.49
N THR A 87 5.52 0.08 -10.36
CA THR A 87 4.49 0.09 -9.33
C THR A 87 4.50 -1.22 -8.57
N GLN A 88 3.77 -1.25 -7.47
CA GLN A 88 3.60 -2.46 -6.71
C GLN A 88 3.00 -3.53 -7.60
N TRP A 89 3.30 -4.78 -7.27
CA TRP A 89 2.76 -5.91 -7.99
C TRP A 89 1.53 -6.41 -7.29
N CYS A 90 0.38 -6.34 -7.95
CA CYS A 90 -0.87 -6.83 -7.39
C CYS A 90 -1.02 -8.32 -7.62
N GLU A 91 -1.20 -9.07 -6.53
CA GLU A 91 -1.62 -10.47 -6.60
C GLU A 91 -3.15 -10.49 -6.51
N GLY A 92 -3.78 -11.26 -7.40
CA GLY A 92 -5.24 -11.27 -7.53
C GLY A 92 -5.69 -11.27 -8.98
N SER A 93 -6.78 -10.55 -9.26
CA SER A 93 -7.26 -10.37 -10.61
C SER A 93 -7.91 -9.02 -10.71
N SER A 94 -7.91 -8.44 -11.91
CA SER A 94 -8.67 -7.21 -12.14
C SER A 94 -10.15 -7.49 -11.87
N LEU A 95 -10.91 -6.45 -11.62
CA LEU A 95 -12.32 -6.60 -11.29
C LEU A 95 -13.09 -7.08 -12.54
N TYR A 96 -12.70 -6.53 -13.70
CA TYR A 96 -13.20 -7.00 -14.99
C TYR A 96 -13.00 -8.51 -15.12
N HIS A 97 -11.77 -8.94 -14.84
CA HIS A 97 -11.42 -10.34 -14.96
C HIS A 97 -12.33 -11.18 -14.08
N HIS A 98 -12.60 -10.69 -12.88
CA HIS A 98 -13.45 -11.41 -11.95
C HIS A 98 -14.85 -11.56 -12.50
N LEU A 99 -15.41 -10.44 -12.93
CA LEU A 99 -16.82 -10.37 -13.28
C LEU A 99 -17.14 -10.94 -14.65
N HIS A 100 -16.19 -10.88 -15.57
CA HIS A 100 -16.47 -11.17 -16.97
C HIS A 100 -15.69 -12.32 -17.57
N ILE A 101 -14.55 -12.66 -16.99
CA ILE A 101 -13.71 -13.71 -17.54
C ILE A 101 -13.91 -15.00 -16.74
N ILE A 102 -13.64 -14.93 -15.44
CA ILE A 102 -13.78 -16.10 -14.57
C ILE A 102 -15.11 -16.08 -13.82
N GLU A 103 -15.85 -14.98 -13.92
CA GLU A 103 -17.19 -14.86 -13.35
C GLU A 103 -17.25 -15.27 -11.89
N THR A 104 -16.59 -14.50 -11.04
CA THR A 104 -16.62 -14.73 -9.60
C THR A 104 -17.92 -14.20 -9.04
N LYS A 105 -18.54 -15.00 -8.17
CA LYS A 105 -19.75 -14.57 -7.52
C LYS A 105 -19.44 -14.13 -6.12
N PHE A 106 -19.32 -12.82 -5.92
CA PHE A 106 -19.11 -12.27 -4.59
C PHE A 106 -20.45 -12.12 -3.92
N GLU A 107 -20.51 -12.31 -2.61
CA GLU A 107 -21.75 -12.05 -1.89
C GLU A 107 -22.00 -10.55 -1.85
N MET A 108 -23.23 -10.16 -1.61
CA MET A 108 -23.65 -8.78 -1.81
C MET A 108 -22.91 -7.77 -0.95
N ILE A 109 -22.75 -8.06 0.33
CA ILE A 109 -21.98 -7.22 1.23
C ILE A 109 -20.56 -6.91 0.66
N LYS A 110 -19.97 -7.90 -0.01
CA LYS A 110 -18.64 -7.78 -0.60
C LYS A 110 -18.63 -6.85 -1.80
N LEU A 111 -19.67 -6.95 -2.63
CA LEU A 111 -19.80 -6.08 -3.80
C LEU A 111 -19.89 -4.63 -3.38
N ILE A 112 -20.66 -4.37 -2.33
CA ILE A 112 -20.85 -3.03 -1.82
C ILE A 112 -19.52 -2.49 -1.27
N ASP A 113 -18.76 -3.35 -0.60
CA ASP A 113 -17.47 -2.97 -0.09
C ASP A 113 -16.59 -2.52 -1.23
N ILE A 114 -16.48 -3.36 -2.26
CA ILE A 114 -15.67 -3.02 -3.43
C ILE A 114 -16.04 -1.63 -3.95
N ALA A 115 -17.33 -1.33 -4.00
CA ALA A 115 -17.78 -0.02 -4.43
C ALA A 115 -17.35 1.06 -3.45
N ARG A 116 -17.45 0.78 -2.15
CA ARG A 116 -17.04 1.73 -1.11
C ARG A 116 -15.59 2.17 -1.27
N GLN A 117 -14.72 1.22 -1.61
CA GLN A 117 -13.30 1.48 -1.77
C GLN A 117 -13.01 2.22 -3.06
N THR A 118 -13.56 1.70 -4.17
CA THR A 118 -13.47 2.38 -5.46
C THR A 118 -13.85 3.85 -5.30
N ALA A 119 -14.98 4.10 -4.66
CA ALA A 119 -15.40 5.46 -4.36
C ALA A 119 -14.38 6.18 -3.47
N GLN A 120 -13.87 5.47 -2.46
CA GLN A 120 -12.90 6.05 -1.51
C GLN A 120 -11.66 6.61 -2.21
N GLY A 121 -11.09 5.82 -3.10
CA GLY A 121 -9.92 6.21 -3.87
C GLY A 121 -10.21 7.31 -4.88
N MET A 122 -11.39 7.27 -5.49
CA MET A 122 -11.78 8.31 -6.45
C MET A 122 -11.96 9.67 -5.76
N ASP A 123 -12.68 9.67 -4.65
CA ASP A 123 -12.78 10.84 -3.80
C ASP A 123 -11.39 11.44 -3.62
N TYR A 124 -10.43 10.58 -3.26
CA TYR A 124 -9.06 11.03 -3.05
C TYR A 124 -8.55 11.78 -4.27
N LEU A 125 -8.63 11.15 -5.43
CA LEU A 125 -8.07 11.71 -6.66
C LEU A 125 -8.70 13.04 -7.04
N HIS A 126 -10.02 13.13 -6.91
CA HIS A 126 -10.75 14.35 -7.24
C HIS A 126 -10.41 15.48 -6.29
N ALA A 127 -10.23 15.14 -5.02
CA ALA A 127 -9.79 16.11 -4.02
C ALA A 127 -8.34 16.57 -4.26
N LYS A 128 -7.56 15.76 -4.97
CA LYS A 128 -6.24 16.17 -5.44
C LYS A 128 -6.26 16.72 -6.88
N SER A 129 -7.41 17.17 -7.36
CA SER A 129 -7.57 17.71 -8.73
C SER A 129 -7.01 16.80 -9.82
N ILE A 130 -7.34 15.51 -9.72
CA ILE A 130 -6.93 14.51 -10.70
C ILE A 130 -8.16 13.83 -11.26
N ILE A 131 -8.30 13.84 -12.58
CA ILE A 131 -9.43 13.22 -13.26
C ILE A 131 -8.95 11.99 -14.02
N HIS A 132 -9.51 10.83 -13.72
CA HIS A 132 -8.99 9.58 -14.26
C HIS A 132 -9.14 9.52 -15.76
N ARG A 133 -10.30 9.96 -16.24
CA ARG A 133 -10.65 9.94 -17.66
C ARG A 133 -10.99 8.56 -18.21
N ASP A 134 -10.63 7.49 -17.52
CA ASP A 134 -10.79 6.14 -18.07
C ASP A 134 -10.99 5.10 -16.97
N LEU A 135 -11.93 5.37 -16.08
CA LEU A 135 -12.27 4.42 -15.04
C LEU A 135 -13.05 3.28 -15.68
N LYS A 136 -12.70 2.06 -15.32
CA LYS A 136 -13.47 0.88 -15.72
C LYS A 136 -13.06 -0.33 -14.91
N SER A 137 -13.86 -1.38 -15.01
CA SER A 137 -13.61 -2.58 -14.26
C SER A 137 -12.20 -3.13 -14.42
N ASN A 138 -11.59 -3.00 -15.61
CA ASN A 138 -10.24 -3.54 -15.76
C ASN A 138 -9.21 -2.72 -15.00
N ASN A 139 -9.41 -1.41 -14.93
CA ASN A 139 -8.46 -0.53 -14.22
C ASN A 139 -8.64 -0.52 -12.69
N ILE A 140 -9.44 -1.46 -12.19
CA ILE A 140 -9.60 -1.70 -10.77
C ILE A 140 -9.12 -3.12 -10.46
N PHE A 141 -8.10 -3.23 -9.62
CA PHE A 141 -7.55 -4.51 -9.24
C PHE A 141 -8.02 -4.83 -7.83
N LEU A 142 -8.40 -6.08 -7.57
CA LEU A 142 -8.85 -6.47 -6.25
C LEU A 142 -7.71 -7.18 -5.55
N HIS A 143 -6.79 -6.38 -5.04
CA HIS A 143 -5.53 -6.88 -4.55
C HIS A 143 -5.74 -7.86 -3.44
N GLU A 144 -5.03 -8.98 -3.51
CA GLU A 144 -5.06 -10.02 -2.49
C GLU A 144 -6.50 -10.34 -2.10
N ASP A 145 -7.39 -10.29 -3.10
CA ASP A 145 -8.82 -10.47 -2.93
C ASP A 145 -9.48 -9.59 -1.85
N LEU A 146 -8.84 -8.48 -1.45
CA LEU A 146 -9.33 -7.71 -0.30
C LEU A 146 -9.34 -6.20 -0.51
N THR A 147 -8.19 -5.62 -0.87
CA THR A 147 -8.11 -4.18 -1.10
C THR A 147 -8.24 -3.86 -2.59
N VAL A 148 -8.95 -2.79 -2.89
CA VAL A 148 -9.08 -2.28 -4.25
C VAL A 148 -7.91 -1.37 -4.57
N LYS A 149 -7.41 -1.43 -5.80
CA LYS A 149 -6.32 -0.58 -6.23
C LYS A 149 -6.64 -0.01 -7.60
N ILE A 150 -6.91 1.29 -7.66
CA ILE A 150 -7.22 1.94 -8.93
C ILE A 150 -5.93 2.29 -9.65
N GLY A 151 -5.84 1.90 -10.92
CA GLY A 151 -4.66 2.19 -11.72
C GLY A 151 -5.04 2.61 -13.12
N ASP A 152 -4.12 2.42 -14.05
CA ASP A 152 -4.42 2.58 -15.46
C ASP A 152 -3.61 1.54 -16.22
N PHE A 153 -4.27 0.47 -16.64
CA PHE A 153 -3.59 -0.66 -17.29
C PHE A 153 -3.72 -0.67 -18.83
N GLY A 154 -4.01 0.49 -19.43
CA GLY A 154 -4.22 0.60 -20.87
C GLY A 154 -2.98 0.86 -21.71
N LEU A 155 -2.98 0.28 -22.92
CA LEU A 155 -1.94 0.53 -23.94
C LEU A 155 -2.61 0.76 -25.29
N GLY A 173 -10.98 4.48 -27.51
CA GLY A 173 -11.47 4.62 -26.10
C GLY A 173 -12.17 3.37 -25.63
N SER A 174 -12.59 3.37 -24.36
CA SER A 174 -13.40 2.27 -23.78
C SER A 174 -14.81 2.78 -23.58
N ILE A 175 -15.68 2.35 -24.47
CA ILE A 175 -16.87 3.11 -24.83
C ILE A 175 -18.01 2.95 -23.84
N LEU A 176 -18.08 1.80 -23.17
CA LEU A 176 -19.18 1.50 -22.30
C LEU A 176 -19.24 2.41 -21.06
N TRP A 177 -18.11 3.03 -20.72
CA TRP A 177 -18.01 3.85 -19.51
C TRP A 177 -18.06 5.35 -19.78
N MET A 178 -17.98 5.74 -21.05
CA MET A 178 -18.01 7.15 -21.40
C MET A 178 -19.40 7.74 -21.21
N ALA A 179 -19.43 8.95 -20.68
CA ALA A 179 -20.66 9.69 -20.48
C ALA A 179 -21.12 10.33 -21.79
N PRO A 180 -22.44 10.44 -21.98
CA PRO A 180 -22.97 11.05 -23.19
C PRO A 180 -22.15 12.25 -23.65
N GLU A 181 -21.97 13.24 -22.79
CA GLU A 181 -21.29 14.49 -23.20
C GLU A 181 -19.85 14.23 -23.67
N VAL A 182 -19.25 13.17 -23.15
CA VAL A 182 -17.91 12.76 -23.56
C VAL A 182 -17.98 12.13 -24.96
N ILE A 183 -19.04 11.37 -25.23
CA ILE A 183 -19.20 10.77 -26.54
C ILE A 183 -19.47 11.85 -27.59
N ARG A 184 -20.31 12.83 -27.27
CA ARG A 184 -20.64 13.91 -28.21
C ARG A 184 -19.48 14.88 -28.49
N MET A 185 -18.33 14.65 -27.87
CA MET A 185 -17.13 15.49 -28.06
C MET A 185 -17.50 16.98 -28.18
N GLN A 186 -18.14 17.46 -27.11
CA GLN A 186 -18.62 18.84 -27.02
C GLN A 186 -17.47 19.85 -27.18
N ASP A 187 -16.56 19.87 -26.21
CA ASP A 187 -15.39 20.76 -26.25
C ASP A 187 -14.19 19.94 -26.71
N LYS A 188 -12.98 20.34 -26.30
CA LYS A 188 -11.83 19.43 -26.27
C LYS A 188 -11.81 18.73 -24.91
N ASN A 189 -12.26 19.42 -23.86
CA ASN A 189 -12.37 18.82 -22.53
C ASN A 189 -13.83 18.78 -22.07
N PRO A 190 -14.54 17.69 -22.40
CA PRO A 190 -15.82 17.36 -21.79
C PRO A 190 -15.65 16.62 -20.45
N TYR A 191 -14.38 16.28 -20.13
CA TYR A 191 -14.05 15.54 -18.93
C TYR A 191 -14.24 16.38 -17.68
N SER A 192 -14.78 15.75 -16.66
CA SER A 192 -15.24 16.43 -15.48
C SER A 192 -15.22 15.43 -14.35
N PHE A 193 -15.33 15.90 -13.12
CA PHE A 193 -15.52 14.98 -12.00
C PHE A 193 -16.74 14.13 -12.27
N GLN A 194 -17.77 14.74 -12.87
CA GLN A 194 -18.99 14.03 -13.22
C GLN A 194 -18.77 13.00 -14.32
N SER A 195 -17.97 13.34 -15.33
CA SER A 195 -17.66 12.37 -16.38
C SER A 195 -17.09 11.10 -15.76
N ASP A 196 -16.26 11.26 -14.74
CA ASP A 196 -15.71 10.14 -14.00
C ASP A 196 -16.78 9.42 -13.18
N VAL A 197 -17.68 10.19 -12.58
CA VAL A 197 -18.78 9.61 -11.80
C VAL A 197 -19.68 8.73 -12.66
N TYR A 198 -19.84 9.08 -13.94
CA TYR A 198 -20.63 8.25 -14.85
C TYR A 198 -19.94 6.90 -15.09
N ALA A 199 -18.62 6.93 -15.28
CA ALA A 199 -17.86 5.70 -15.43
C ALA A 199 -18.02 4.81 -14.19
N PHE A 200 -18.03 5.44 -13.00
CA PHE A 200 -18.23 4.74 -11.74
C PHE A 200 -19.60 4.06 -11.71
N GLY A 201 -20.64 4.79 -12.13
CA GLY A 201 -21.98 4.22 -12.25
C GLY A 201 -22.04 3.00 -13.13
N ILE A 202 -21.27 3.01 -14.22
CA ILE A 202 -21.21 1.83 -15.08
C ILE A 202 -20.51 0.69 -14.36
N VAL A 203 -19.48 0.98 -13.56
CA VAL A 203 -18.83 -0.07 -12.78
C VAL A 203 -19.81 -0.66 -11.77
N LEU A 204 -20.59 0.19 -11.10
CA LEU A 204 -21.60 -0.31 -10.17
C LEU A 204 -22.56 -1.27 -10.86
N TYR A 205 -22.96 -0.91 -12.08
CA TYR A 205 -23.80 -1.77 -12.90
C TYR A 205 -23.10 -3.11 -13.13
N GLU A 206 -21.81 -3.08 -13.45
CA GLU A 206 -21.03 -4.30 -13.60
C GLU A 206 -21.06 -5.11 -12.32
N LEU A 207 -20.92 -4.43 -11.18
CA LEU A 207 -20.90 -5.10 -9.89
C LEU A 207 -22.24 -5.75 -9.58
N MET A 208 -23.33 -5.01 -9.74
CA MET A 208 -24.64 -5.48 -9.28
C MET A 208 -25.33 -6.42 -10.26
N THR A 209 -24.87 -6.46 -11.52
CA THR A 209 -25.40 -7.40 -12.51
C THR A 209 -24.39 -8.49 -12.84
N GLY A 210 -23.11 -8.17 -12.76
CA GLY A 210 -22.07 -9.10 -13.15
C GLY A 210 -21.90 -9.16 -14.65
N GLN A 211 -22.43 -8.15 -15.34
CA GLN A 211 -22.35 -8.07 -16.79
C GLN A 211 -21.97 -6.68 -17.26
N LEU A 212 -21.57 -6.59 -18.53
CA LEU A 212 -21.35 -5.31 -19.18
C LEU A 212 -22.69 -4.79 -19.71
N PRO A 213 -22.85 -3.46 -19.83
CA PRO A 213 -24.12 -2.95 -20.33
C PRO A 213 -24.28 -3.23 -21.81
N TYR A 214 -25.48 -3.06 -22.34
CA TYR A 214 -25.74 -3.21 -23.78
C TYR A 214 -25.21 -4.55 -24.30
N SER A 215 -25.50 -5.61 -23.54
CA SER A 215 -25.07 -6.96 -23.87
C SER A 215 -25.83 -7.53 -25.07
N ASN A 216 -27.03 -7.00 -25.30
CA ASN A 216 -27.88 -7.43 -26.42
C ASN A 216 -27.64 -6.66 -27.73
N ILE A 217 -26.56 -5.88 -27.78
CA ILE A 217 -26.21 -5.11 -28.97
C ILE A 217 -24.79 -5.49 -29.39
N ASN A 218 -24.60 -5.76 -30.68
CA ASN A 218 -23.31 -6.21 -31.18
C ASN A 218 -22.59 -5.20 -32.06
N ASN A 219 -23.21 -4.05 -32.28
CA ASN A 219 -22.65 -3.02 -33.15
C ASN A 219 -22.21 -1.81 -32.33
N ARG A 220 -20.93 -1.43 -32.47
CA ARG A 220 -20.33 -0.39 -31.63
C ARG A 220 -20.76 1.03 -32.01
N ASP A 221 -20.91 1.30 -33.31
CA ASP A 221 -21.35 2.62 -33.77
C ASP A 221 -22.72 2.96 -33.22
N GLN A 222 -23.62 1.99 -33.26
CA GLN A 222 -24.99 2.18 -32.79
C GLN A 222 -25.02 2.47 -31.31
N ILE A 223 -24.17 1.80 -30.54
CA ILE A 223 -24.11 2.04 -29.11
C ILE A 223 -23.70 3.49 -28.87
N ILE A 224 -22.62 3.91 -29.54
CA ILE A 224 -22.14 5.28 -29.48
C ILE A 224 -23.25 6.25 -29.86
N PHE A 225 -23.80 6.06 -31.06
CA PHE A 225 -24.83 6.97 -31.57
C PHE A 225 -25.99 7.11 -30.59
N MET A 226 -26.44 5.98 -30.07
CA MET A 226 -27.62 5.96 -29.21
C MET A 226 -27.35 6.58 -27.84
N VAL A 227 -26.30 6.12 -27.18
CA VAL A 227 -25.93 6.71 -25.88
C VAL A 227 -25.71 8.21 -26.07
N GLY A 228 -24.98 8.60 -27.10
CA GLY A 228 -24.78 10.01 -27.44
C GLY A 228 -26.08 10.78 -27.52
N ARG A 229 -27.06 10.21 -28.22
CA ARG A 229 -28.35 10.85 -28.42
C ARG A 229 -29.34 10.68 -27.24
N GLY A 230 -28.99 9.85 -26.27
CA GLY A 230 -29.83 9.65 -25.10
C GLY A 230 -30.88 8.57 -25.26
N TYR A 231 -30.79 7.80 -26.35
CA TYR A 231 -31.77 6.76 -26.61
C TYR A 231 -31.50 5.48 -25.82
N LEU A 232 -30.30 5.36 -25.24
CA LEU A 232 -29.89 4.12 -24.58
C LEU A 232 -29.34 4.37 -23.18
N SER A 233 -30.01 3.81 -22.17
CA SER A 233 -29.56 3.85 -20.77
C SER A 233 -29.30 2.40 -20.35
N PRO A 234 -28.38 2.19 -19.41
CA PRO A 234 -28.21 0.83 -18.87
C PRO A 234 -29.47 0.30 -18.19
N ASP A 235 -29.68 -1.01 -18.31
CA ASP A 235 -30.91 -1.66 -17.86
C ASP A 235 -30.80 -2.06 -16.39
N LEU A 236 -31.39 -1.24 -15.51
CA LEU A 236 -31.26 -1.45 -14.06
C LEU A 236 -32.18 -2.54 -13.50
N SER A 237 -33.02 -3.14 -14.35
CA SER A 237 -33.86 -4.26 -13.94
C SER A 237 -33.01 -5.51 -13.73
N LYS A 238 -31.83 -5.52 -14.34
CA LYS A 238 -30.96 -6.68 -14.30
C LYS A 238 -30.22 -6.88 -12.98
N VAL A 239 -30.16 -5.87 -12.12
CA VAL A 239 -29.45 -5.98 -10.83
C VAL A 239 -29.90 -7.19 -10.01
N ARG A 240 -28.96 -7.82 -9.30
CA ARG A 240 -29.28 -8.92 -8.39
C ARG A 240 -30.51 -8.58 -7.54
N SER A 241 -31.32 -9.57 -7.25
CA SER A 241 -32.56 -9.36 -6.51
C SER A 241 -32.31 -8.72 -5.14
N ASN A 242 -31.21 -9.12 -4.50
CA ASN A 242 -30.86 -8.64 -3.16
C ASN A 242 -30.02 -7.36 -3.15
N CYS A 243 -29.84 -6.74 -4.31
CA CYS A 243 -29.23 -5.42 -4.38
C CYS A 243 -30.18 -4.42 -3.73
N PRO A 244 -29.70 -3.66 -2.73
CA PRO A 244 -30.60 -2.77 -1.99
C PRO A 244 -31.18 -1.66 -2.85
N LYS A 245 -32.33 -1.12 -2.43
CA LYS A 245 -32.99 -0.04 -3.15
C LYS A 245 -32.12 1.21 -3.17
N ALA A 246 -31.54 1.55 -2.03
CA ALA A 246 -30.68 2.73 -1.91
C ALA A 246 -29.50 2.70 -2.89
N MET A 247 -28.91 1.53 -3.07
CA MET A 247 -27.82 1.31 -4.02
C MET A 247 -28.30 1.47 -5.45
N LYS A 248 -29.51 0.97 -5.71
CA LYS A 248 -30.07 1.03 -7.04
C LYS A 248 -30.31 2.50 -7.41
N ARG A 249 -30.81 3.29 -6.46
CA ARG A 249 -31.00 4.75 -6.64
C ARG A 249 -29.69 5.44 -6.95
N LEU A 250 -28.70 5.20 -6.10
CA LEU A 250 -27.35 5.77 -6.28
C LEU A 250 -26.79 5.53 -7.68
N MET A 251 -27.07 4.36 -8.23
CA MET A 251 -26.61 4.01 -9.57
C MET A 251 -27.21 4.96 -10.60
N ALA A 252 -28.54 5.05 -10.58
CA ALA A 252 -29.28 5.91 -11.52
C ALA A 252 -28.89 7.36 -11.35
N GLU A 253 -28.59 7.75 -10.11
CA GLU A 253 -28.09 9.10 -9.83
C GLU A 253 -26.74 9.32 -10.52
N CYS A 254 -25.88 8.31 -10.46
CA CYS A 254 -24.56 8.39 -11.06
C CYS A 254 -24.62 8.32 -12.58
N LEU A 255 -25.65 7.64 -13.09
CA LEU A 255 -25.77 7.44 -14.54
C LEU A 255 -26.63 8.49 -15.25
N LYS A 256 -26.99 9.57 -14.55
CA LYS A 256 -27.81 10.62 -15.15
C LYS A 256 -27.17 11.12 -16.44
N LYS A 257 -28.00 11.39 -17.44
CA LYS A 257 -27.55 11.81 -18.77
C LYS A 257 -26.98 13.23 -18.76
N LYS A 258 -27.38 14.02 -17.77
CA LYS A 258 -26.99 15.42 -17.65
C LYS A 258 -25.92 15.59 -16.56
N ARG A 259 -24.73 16.04 -16.94
CA ARG A 259 -23.63 16.23 -15.99
C ARG A 259 -24.03 16.74 -14.62
N ASP A 260 -24.73 17.88 -14.61
CA ASP A 260 -24.98 18.63 -13.38
C ASP A 260 -25.76 17.84 -12.33
N GLU A 261 -26.68 16.99 -12.78
CA GLU A 261 -27.48 16.13 -11.90
C GLU A 261 -26.71 14.95 -11.28
N ARG A 262 -25.50 14.67 -11.79
CA ARG A 262 -24.66 13.61 -11.24
C ARG A 262 -24.01 14.08 -9.92
N PRO A 263 -24.05 13.25 -8.87
CA PRO A 263 -23.40 13.61 -7.60
C PRO A 263 -21.89 13.40 -7.61
N LEU A 264 -21.17 14.24 -6.86
CA LEU A 264 -19.72 14.07 -6.67
C LEU A 264 -19.41 13.08 -5.55
N PHE A 265 -18.15 12.64 -5.49
CA PHE A 265 -17.79 11.49 -4.66
C PHE A 265 -17.97 11.63 -3.14
N PRO A 266 -17.76 12.84 -2.57
CA PRO A 266 -18.14 12.94 -1.16
C PRO A 266 -19.58 12.44 -0.93
N GLN A 267 -20.53 12.97 -1.68
CA GLN A 267 -21.93 12.58 -1.57
C GLN A 267 -22.11 11.09 -1.82
N ILE A 268 -21.43 10.55 -2.82
CA ILE A 268 -21.55 9.12 -3.15
C ILE A 268 -21.12 8.27 -1.97
N LEU A 269 -19.91 8.53 -1.50
CA LEU A 269 -19.31 7.79 -0.39
C LEU A 269 -20.26 7.80 0.80
N ALA A 270 -20.72 8.99 1.14
CA ALA A 270 -21.67 9.18 2.23
C ALA A 270 -22.88 8.27 2.05
N SER A 271 -23.51 8.33 0.88
CA SER A 271 -24.65 7.46 0.58
C SER A 271 -24.33 5.99 0.80
N ILE A 272 -23.17 5.54 0.32
CA ILE A 272 -22.78 4.15 0.50
C ILE A 272 -22.65 3.80 1.97
N GLU A 273 -22.05 4.71 2.74
CA GLU A 273 -21.72 4.43 4.14
C GLU A 273 -22.94 4.35 5.05
N LEU A 274 -23.98 5.13 4.76
CA LEU A 274 -25.28 5.01 5.44
C LEU A 274 -25.93 3.68 5.07
N LEU A 275 -25.90 3.38 3.79
CA LEU A 275 -26.39 2.12 3.27
C LEU A 275 -25.73 0.92 3.95
N ALA A 276 -24.41 1.00 4.10
CA ALA A 276 -23.59 -0.11 4.62
C ALA A 276 -24.02 -0.60 6.00
N ARG A 277 -24.25 0.31 6.93
CA ARG A 277 -24.49 -0.09 8.32
C ARG A 277 -25.84 -0.81 8.55
N SER A 278 -26.75 -0.74 7.58
CA SER A 278 -28.06 -1.39 7.70
C SER A 278 -28.11 -2.84 7.16
N LEU A 279 -26.97 -3.53 7.18
CA LEU A 279 -26.90 -4.95 6.84
C LEU A 279 -25.57 -5.55 7.34
N PRO A 280 -25.59 -6.79 7.88
CA PRO A 280 -24.36 -7.34 8.49
C PRO A 280 -23.19 -7.45 7.52
N ASP B 7 4.63 18.77 -2.90
CA ASP B 7 4.07 19.19 -1.59
C ASP B 7 3.09 18.14 -1.00
N TRP B 8 3.17 17.89 0.30
CA TRP B 8 2.29 16.93 0.97
C TRP B 8 1.64 17.52 2.21
N GLU B 9 1.38 18.82 2.21
CA GLU B 9 0.65 19.42 3.31
C GLU B 9 -0.82 19.07 3.18
N ILE B 10 -1.49 18.94 4.32
CA ILE B 10 -2.93 18.71 4.34
C ILE B 10 -3.58 19.95 4.95
N PRO B 11 -4.36 20.69 4.13
CA PRO B 11 -4.98 21.90 4.64
C PRO B 11 -5.80 21.68 5.90
N ASP B 12 -5.69 22.64 6.81
CA ASP B 12 -6.40 22.62 8.08
C ASP B 12 -7.90 22.36 7.86
N GLY B 13 -8.51 21.66 8.82
CA GLY B 13 -9.95 21.47 8.85
C GLY B 13 -10.42 20.14 8.30
N GLN B 14 -9.58 19.47 7.51
CA GLN B 14 -9.97 18.23 6.81
C GLN B 14 -9.80 16.95 7.61
N ILE B 15 -8.92 16.99 8.60
CA ILE B 15 -8.63 15.79 9.37
C ILE B 15 -9.56 15.75 10.56
N THR B 16 -10.19 14.60 10.78
CA THR B 16 -10.96 14.33 11.98
C THR B 16 -10.14 13.38 12.83
N VAL B 17 -9.91 13.77 14.09
CA VAL B 17 -9.21 12.91 15.03
C VAL B 17 -10.25 12.13 15.82
N GLY B 18 -10.01 10.83 15.99
CA GLY B 18 -11.01 9.94 16.59
C GLY B 18 -10.68 9.53 18.01
N GLN B 19 -10.51 8.24 18.21
CA GLN B 19 -10.15 7.71 19.52
C GLN B 19 -8.64 7.71 19.67
N ARG B 20 -8.20 7.87 20.91
CA ARG B 20 -6.78 7.85 21.27
C ARG B 20 -6.27 6.40 21.25
N ILE B 21 -5.09 6.20 20.68
CA ILE B 21 -4.48 4.86 20.65
C ILE B 21 -3.32 4.75 21.63
N GLY B 22 -2.59 5.84 21.82
CA GLY B 22 -1.50 5.88 22.79
C GLY B 22 -0.52 7.00 22.51
N SER B 23 0.44 7.17 23.42
CA SER B 23 1.47 8.18 23.28
C SER B 23 2.85 7.52 23.26
N GLY B 24 3.62 7.82 22.22
CA GLY B 24 5.00 7.34 22.11
C GLY B 24 6.01 8.27 22.73
N SER B 25 7.22 8.28 22.18
CA SER B 25 8.25 9.21 22.60
C SER B 25 8.00 10.58 21.95
N PHE B 26 7.64 10.57 20.67
CA PHE B 26 7.38 11.80 19.91
C PHE B 26 6.10 12.49 20.39
N GLY B 27 4.94 11.99 19.95
CA GLY B 27 3.66 12.62 20.29
C GLY B 27 2.62 11.63 20.76
N THR B 28 1.43 11.71 20.14
CA THR B 28 0.30 10.85 20.48
C THR B 28 -0.33 10.34 19.20
N VAL B 29 -0.64 9.05 19.14
CA VAL B 29 -1.26 8.46 17.95
C VAL B 29 -2.76 8.30 18.17
N TYR B 30 -3.54 8.82 17.22
CA TYR B 30 -4.99 8.63 17.19
C TYR B 30 -5.39 7.95 15.88
N LYS B 31 -6.44 7.14 15.93
CA LYS B 31 -7.12 6.72 14.72
C LYS B 31 -7.95 7.90 14.27
N GLY B 32 -7.73 8.33 13.02
CA GLY B 32 -8.46 9.46 12.46
C GLY B 32 -9.14 9.11 11.15
N LYS B 33 -9.73 10.12 10.52
CA LYS B 33 -10.42 9.97 9.25
C LYS B 33 -10.06 11.08 8.28
N TRP B 34 -9.42 10.70 7.18
CA TRP B 34 -9.05 11.63 6.12
C TRP B 34 -8.99 10.84 4.83
N HIS B 35 -10.03 10.97 4.00
CA HIS B 35 -10.22 10.10 2.84
C HIS B 35 -10.16 8.66 3.33
N GLY B 36 -10.98 8.34 4.33
CA GLY B 36 -11.05 6.99 4.88
C GLY B 36 -10.29 6.87 6.17
N ASP B 37 -10.22 5.65 6.71
CA ASP B 37 -9.55 5.38 7.97
C ASP B 37 -8.05 5.63 7.85
N VAL B 38 -7.53 6.52 8.69
CA VAL B 38 -6.10 6.85 8.71
C VAL B 38 -5.59 6.97 10.14
N ALA B 39 -4.29 6.77 10.31
CA ALA B 39 -3.64 6.92 11.61
C ALA B 39 -2.95 8.26 11.69
N VAL B 40 -3.23 9.02 12.74
CA VAL B 40 -2.66 10.35 12.92
C VAL B 40 -1.77 10.44 14.15
N LYS B 41 -0.49 10.74 13.93
CA LYS B 41 0.43 10.98 15.03
C LYS B 41 0.63 12.48 15.13
N MET B 42 0.30 13.07 16.28
CA MET B 42 0.43 14.52 16.47
C MET B 42 0.95 14.91 17.85
N LEU B 43 1.72 16.00 17.88
CA LEU B 43 2.10 16.63 19.13
C LEU B 43 0.88 17.33 19.72
N ASN B 44 0.64 17.07 20.99
CA ASN B 44 -0.45 17.71 21.70
C ASN B 44 0.15 18.83 22.53
N VAL B 45 0.64 19.86 21.84
CA VAL B 45 1.20 21.05 22.49
C VAL B 45 0.72 22.33 21.81
N THR B 46 0.60 23.40 22.60
CA THR B 46 0.26 24.73 22.09
C THR B 46 1.39 25.27 21.23
N ALA B 47 2.61 25.22 21.78
CA ALA B 47 3.78 25.82 21.17
C ALA B 47 4.94 24.81 21.16
N PRO B 48 5.35 24.33 19.98
CA PRO B 48 6.47 23.39 19.88
C PRO B 48 7.83 24.08 19.84
N THR B 49 8.78 23.59 20.65
CA THR B 49 10.14 24.12 20.66
C THR B 49 10.85 23.78 19.36
N PRO B 50 11.87 24.57 18.98
CA PRO B 50 12.58 24.35 17.71
C PRO B 50 13.20 22.96 17.56
N GLN B 51 13.49 22.29 18.68
CA GLN B 51 14.02 20.92 18.66
C GLN B 51 12.94 19.88 18.32
N GLN B 52 11.68 20.19 18.65
CA GLN B 52 10.55 19.35 18.27
C GLN B 52 10.17 19.62 16.82
N LEU B 53 10.09 20.91 16.48
CA LEU B 53 9.90 21.36 15.10
C LEU B 53 10.84 20.62 14.14
N GLN B 54 12.08 20.45 14.57
CA GLN B 54 13.09 19.74 13.79
C GLN B 54 12.89 18.22 13.78
N ALA B 55 12.61 17.63 14.93
CA ALA B 55 12.40 16.18 15.02
C ALA B 55 11.23 15.73 14.15
N PHE B 56 10.24 16.63 14.01
CA PHE B 56 9.10 16.42 13.13
C PHE B 56 9.55 16.40 11.69
N LYS B 57 10.29 17.42 11.28
CA LYS B 57 10.79 17.55 9.91
C LYS B 57 11.63 16.34 9.47
N ASN B 58 12.33 15.72 10.42
CA ASN B 58 13.16 14.53 10.13
C ASN B 58 12.33 13.28 9.95
N GLU B 59 11.32 13.08 10.80
CA GLU B 59 10.40 11.96 10.64
C GLU B 59 9.63 12.06 9.32
N VAL B 60 9.21 13.28 8.98
CA VAL B 60 8.54 13.53 7.71
C VAL B 60 9.50 13.43 6.54
N GLY B 61 10.70 13.96 6.71
CA GLY B 61 11.74 13.86 5.69
C GLY B 61 12.04 12.41 5.34
N VAL B 62 12.00 11.55 6.36
CA VAL B 62 12.25 10.13 6.18
C VAL B 62 11.07 9.43 5.53
N LEU B 63 9.87 9.63 6.08
CA LEU B 63 8.67 8.94 5.59
C LEU B 63 8.33 9.27 4.14
N ARG B 64 8.51 10.52 3.73
CA ARG B 64 8.24 10.90 2.35
C ARG B 64 9.22 10.23 1.36
N LYS B 65 10.35 9.71 1.84
CA LYS B 65 11.29 8.99 0.98
C LYS B 65 10.88 7.55 0.73
N THR B 66 9.83 7.05 1.39
CA THR B 66 9.42 5.64 1.28
C THR B 66 8.20 5.41 0.38
N ARG B 67 8.27 4.37 -0.45
CA ARG B 67 7.14 3.93 -1.29
C ARG B 67 7.29 2.44 -1.59
N HIS B 68 6.76 1.62 -0.70
CA HIS B 68 6.99 0.18 -0.73
C HIS B 68 5.90 -0.54 0.08
N VAL B 69 5.44 -1.69 -0.41
CA VAL B 69 4.28 -2.38 0.19
C VAL B 69 4.49 -2.76 1.67
N ASN B 70 5.75 -2.92 2.06
CA ASN B 70 6.14 -3.35 3.41
C ASN B 70 6.59 -2.21 4.32
N ILE B 71 6.22 -0.98 4.00
CA ILE B 71 6.48 0.16 4.86
C ILE B 71 5.15 0.83 5.12
N LEU B 72 4.95 1.27 6.36
CA LEU B 72 3.80 2.09 6.68
C LEU B 72 3.62 3.17 5.63
N LEU B 73 2.46 3.19 4.98
CA LEU B 73 2.20 4.18 3.95
C LEU B 73 1.97 5.56 4.55
N PHE B 74 2.92 6.45 4.32
CA PHE B 74 2.76 7.84 4.71
C PHE B 74 1.89 8.53 3.68
N MET B 75 0.87 9.27 4.13
CA MET B 75 -0.11 9.92 3.24
C MET B 75 0.01 11.45 3.21
N GLY B 76 0.38 12.07 4.33
CA GLY B 76 0.59 13.52 4.37
C GLY B 76 0.80 14.09 5.77
N TYR B 77 1.11 15.38 5.88
CA TYR B 77 1.29 16.06 7.18
C TYR B 77 0.42 17.31 7.32
N SER B 78 0.39 17.85 8.53
CA SER B 78 -0.32 19.09 8.82
C SER B 78 0.49 19.93 9.82
N THR B 79 0.45 21.24 9.62
CA THR B 79 1.19 22.18 10.46
C THR B 79 0.21 22.81 11.43
N LYS B 80 -0.83 23.44 10.90
CA LYS B 80 -1.94 23.96 11.68
C LYS B 80 -3.07 22.92 11.65
N PRO B 81 -3.81 22.76 12.77
CA PRO B 81 -3.62 23.44 14.05
C PRO B 81 -2.45 22.86 14.85
N GLN B 82 -2.29 21.53 14.84
CA GLN B 82 -1.14 20.86 15.46
C GLN B 82 -0.20 20.33 14.40
N LEU B 83 1.06 20.10 14.81
CA LEU B 83 1.96 19.30 14.01
C LEU B 83 1.37 17.91 13.98
N ALA B 84 1.33 17.29 12.79
CA ALA B 84 0.66 16.00 12.65
C ALA B 84 1.07 15.25 11.40
N ILE B 85 1.25 13.92 11.54
CA ILE B 85 1.58 13.02 10.43
C ILE B 85 0.47 11.99 10.22
N VAL B 86 -0.04 11.93 9.00
CA VAL B 86 -1.06 10.96 8.63
C VAL B 86 -0.45 9.81 7.84
N THR B 87 -0.76 8.59 8.27
CA THR B 87 -0.34 7.40 7.55
C THR B 87 -1.58 6.56 7.32
N GLN B 88 -1.41 5.42 6.67
CA GLN B 88 -2.51 4.47 6.54
C GLN B 88 -2.88 3.89 7.89
N TRP B 89 -4.15 3.50 8.04
CA TRP B 89 -4.60 2.82 9.24
C TRP B 89 -4.48 1.32 9.04
N CYS B 90 -3.56 0.69 9.78
CA CYS B 90 -3.41 -0.76 9.69
C CYS B 90 -4.53 -1.49 10.41
N GLU B 91 -4.64 -2.79 10.14
CA GLU B 91 -5.78 -3.60 10.57
C GLU B 91 -5.28 -4.97 11.01
N GLY B 92 -5.71 -5.41 12.19
CA GLY B 92 -5.19 -6.63 12.79
C GLY B 92 -4.45 -6.32 14.07
N SER B 93 -3.16 -6.67 14.10
CA SER B 93 -2.32 -6.40 15.28
C SER B 93 -0.84 -6.65 14.99
N SER B 94 0.01 -6.05 15.83
CA SER B 94 1.47 -6.17 15.67
C SER B 94 1.93 -7.62 15.79
N LEU B 95 3.18 -7.85 15.40
CA LEU B 95 3.79 -9.17 15.51
C LEU B 95 4.04 -9.50 16.97
N TYR B 96 4.45 -8.49 17.74
CA TYR B 96 4.69 -8.66 19.16
C TYR B 96 3.43 -9.21 19.81
N HIS B 97 2.32 -8.56 19.52
CA HIS B 97 1.02 -8.99 20.03
C HIS B 97 0.76 -10.45 19.65
N HIS B 98 0.81 -10.74 18.34
CA HIS B 98 0.59 -12.09 17.83
C HIS B 98 1.43 -13.12 18.60
N LEU B 99 2.73 -12.87 18.68
CA LEU B 99 3.68 -13.86 19.18
C LEU B 99 3.63 -14.06 20.69
N HIS B 100 3.49 -12.98 21.44
CA HIS B 100 3.68 -13.06 22.88
C HIS B 100 2.47 -12.66 23.69
N ILE B 101 1.43 -12.12 23.06
CA ILE B 101 0.23 -11.76 23.80
C ILE B 101 -0.87 -12.76 23.47
N ILE B 102 -1.49 -12.64 22.30
CA ILE B 102 -2.53 -13.60 21.90
C ILE B 102 -1.96 -14.97 21.56
N GLU B 103 -0.64 -15.03 21.35
CA GLU B 103 0.05 -16.28 21.08
C GLU B 103 -0.50 -17.01 19.86
N THR B 104 -0.53 -16.31 18.74
CA THR B 104 -0.92 -16.92 17.48
C THR B 104 0.05 -18.07 17.16
N LYS B 105 -0.47 -19.10 16.51
CA LYS B 105 0.31 -20.29 16.18
C LYS B 105 0.37 -20.34 14.65
N PHE B 106 1.32 -19.61 14.10
CA PHE B 106 1.52 -19.57 12.66
C PHE B 106 2.12 -20.87 12.19
N GLU B 107 1.78 -21.27 10.98
CA GLU B 107 2.50 -22.35 10.31
C GLU B 107 3.87 -21.83 9.91
N MET B 108 4.82 -22.73 9.72
CA MET B 108 6.20 -22.34 9.44
C MET B 108 6.27 -21.61 8.10
N ILE B 109 5.42 -22.02 7.17
CA ILE B 109 5.39 -21.43 5.83
C ILE B 109 5.13 -19.92 5.92
N LYS B 110 4.30 -19.53 6.88
CA LYS B 110 3.98 -18.12 7.07
C LYS B 110 5.02 -17.38 7.89
N LEU B 111 5.51 -18.03 8.94
CA LEU B 111 6.60 -17.46 9.74
C LEU B 111 7.74 -17.05 8.83
N ILE B 112 8.07 -17.93 7.89
CA ILE B 112 9.12 -17.66 6.91
C ILE B 112 8.73 -16.50 5.97
N ASP B 113 7.51 -16.54 5.47
CA ASP B 113 7.01 -15.49 4.61
C ASP B 113 7.01 -14.12 5.31
N ILE B 114 6.71 -14.11 6.61
CA ILE B 114 6.76 -12.87 7.38
C ILE B 114 8.20 -12.38 7.39
N ALA B 115 9.10 -13.26 7.81
CA ALA B 115 10.53 -12.98 7.79
C ALA B 115 10.97 -12.37 6.47
N ARG B 116 10.53 -12.97 5.36
CA ARG B 116 10.86 -12.51 4.00
C ARG B 116 10.40 -11.08 3.72
N GLN B 117 9.15 -10.78 4.10
CA GLN B 117 8.59 -9.47 3.84
C GLN B 117 9.25 -8.40 4.68
N THR B 118 9.60 -8.78 5.91
CA THR B 118 10.34 -7.88 6.80
C THR B 118 11.70 -7.57 6.22
N ALA B 119 12.44 -8.61 5.86
CA ALA B 119 13.71 -8.47 5.18
C ALA B 119 13.57 -7.59 3.95
N GLN B 120 12.42 -7.70 3.28
CA GLN B 120 12.15 -6.94 2.06
C GLN B 120 12.11 -5.43 2.33
N GLY B 121 11.31 -5.02 3.31
CA GLY B 121 11.23 -3.63 3.72
C GLY B 121 12.55 -3.09 4.23
N MET B 122 13.26 -3.88 5.02
CA MET B 122 14.56 -3.45 5.53
C MET B 122 15.58 -3.26 4.41
N ASP B 123 15.61 -4.19 3.46
CA ASP B 123 16.46 -4.04 2.27
C ASP B 123 16.18 -2.72 1.56
N TYR B 124 14.90 -2.37 1.47
CA TYR B 124 14.46 -1.11 0.82
C TYR B 124 14.96 0.13 1.55
N LEU B 125 14.76 0.15 2.87
CA LEU B 125 15.18 1.29 3.67
C LEU B 125 16.69 1.51 3.56
N HIS B 126 17.44 0.43 3.73
CA HIS B 126 18.90 0.48 3.66
C HIS B 126 19.41 0.97 2.31
N ALA B 127 18.73 0.59 1.23
CA ALA B 127 19.06 1.08 -0.11
C ALA B 127 18.87 2.59 -0.17
N LYS B 128 17.79 3.08 0.46
CA LYS B 128 17.48 4.51 0.52
C LYS B 128 18.34 5.26 1.56
N SER B 129 19.31 4.57 2.17
CA SER B 129 20.16 5.13 3.23
C SER B 129 19.34 5.55 4.47
N ILE B 130 18.56 4.60 4.99
CA ILE B 130 17.80 4.82 6.21
C ILE B 130 18.08 3.68 7.18
N ILE B 131 18.69 4.02 8.31
CA ILE B 131 18.85 3.07 9.38
C ILE B 131 17.63 3.21 10.29
N HIS B 132 16.98 2.10 10.58
CA HIS B 132 15.76 2.13 11.38
C HIS B 132 16.01 2.41 12.85
N ARG B 133 17.11 1.91 13.38
CA ARG B 133 17.54 2.18 14.77
C ARG B 133 16.68 1.56 15.86
N ASP B 134 15.63 0.83 15.48
CA ASP B 134 14.74 0.21 16.47
C ASP B 134 13.82 -0.83 15.84
N LEU B 135 14.41 -1.76 15.11
CA LEU B 135 13.63 -2.84 14.53
C LEU B 135 13.24 -3.86 15.62
N LYS B 136 11.95 -4.05 15.81
CA LYS B 136 11.46 -5.06 16.74
C LYS B 136 10.02 -5.44 16.41
N SER B 137 9.58 -6.58 16.90
CA SER B 137 8.27 -7.15 16.57
C SER B 137 7.12 -6.19 16.80
N ASN B 138 7.24 -5.35 17.83
CA ASN B 138 6.19 -4.38 18.12
C ASN B 138 6.08 -3.26 17.07
N ASN B 139 7.20 -2.98 16.39
CA ASN B 139 7.23 -2.05 15.26
C ASN B 139 6.92 -2.74 13.93
N ILE B 140 6.32 -3.91 13.98
CA ILE B 140 5.94 -4.66 12.78
C ILE B 140 4.47 -5.08 12.84
N PHE B 141 3.67 -4.55 11.90
CA PHE B 141 2.24 -4.81 11.87
C PHE B 141 1.92 -5.86 10.82
N LEU B 142 1.10 -6.84 11.18
CA LEU B 142 0.67 -7.83 10.22
C LEU B 142 -0.67 -7.38 9.67
N HIS B 143 -0.59 -6.50 8.66
CA HIS B 143 -1.76 -5.84 8.09
C HIS B 143 -2.67 -6.81 7.37
N GLU B 144 -3.97 -6.71 7.67
CA GLU B 144 -5.00 -7.64 7.21
C GLU B 144 -4.58 -9.10 7.43
N ASP B 145 -3.72 -9.32 8.41
CA ASP B 145 -3.12 -10.62 8.72
C ASP B 145 -2.32 -11.25 7.58
N LEU B 146 -1.79 -10.45 6.66
CA LEU B 146 -0.92 -11.04 5.61
C LEU B 146 0.20 -10.18 5.02
N THR B 147 0.06 -8.86 4.95
CA THR B 147 1.17 -8.01 4.53
C THR B 147 1.90 -7.38 5.72
N VAL B 148 3.23 -7.48 5.72
CA VAL B 148 4.07 -6.84 6.73
C VAL B 148 4.23 -5.35 6.46
N LYS B 149 4.13 -4.54 7.50
CA LYS B 149 4.30 -3.10 7.39
C LYS B 149 5.20 -2.61 8.52
N ILE B 150 6.42 -2.20 8.16
CA ILE B 150 7.38 -1.67 9.13
C ILE B 150 7.12 -0.18 9.38
N GLY B 151 7.05 0.19 10.66
CA GLY B 151 6.87 1.59 11.05
C GLY B 151 7.51 1.91 12.39
N ASP B 152 7.01 2.97 13.04
CA ASP B 152 7.31 3.28 14.44
C ASP B 152 6.00 3.25 15.24
N PHE B 153 5.80 2.21 16.03
CA PHE B 153 4.53 2.00 16.74
C PHE B 153 4.68 2.00 18.27
N GLY B 154 5.77 2.54 18.79
CA GLY B 154 6.06 2.55 20.24
C GLY B 154 5.01 3.28 21.08
N LEU B 155 4.47 2.58 22.08
CA LEU B 155 3.43 3.11 22.96
C LEU B 155 3.81 2.87 24.42
N GLY B 173 14.72 1.45 26.61
CA GLY B 173 13.32 1.08 26.25
C GLY B 173 13.16 -0.32 25.66
N SER B 174 13.99 -0.67 24.68
CA SER B 174 13.86 -1.92 23.91
C SER B 174 15.20 -2.58 23.65
N ILE B 175 15.72 -3.21 24.69
CA ILE B 175 17.10 -3.69 24.72
C ILE B 175 17.32 -5.08 24.12
N LEU B 176 16.25 -5.86 24.01
CA LEU B 176 16.39 -7.24 23.57
C LEU B 176 16.84 -7.33 22.13
N TRP B 177 16.54 -6.29 21.35
CA TRP B 177 16.89 -6.25 19.93
C TRP B 177 18.19 -5.51 19.67
N MET B 178 18.80 -5.00 20.73
CA MET B 178 20.04 -4.25 20.59
C MET B 178 21.25 -5.15 20.48
N ALA B 179 22.07 -4.84 19.47
CA ALA B 179 23.36 -5.47 19.26
C ALA B 179 24.30 -5.08 20.40
N PRO B 180 25.34 -5.90 20.63
CA PRO B 180 26.32 -5.59 21.65
C PRO B 180 26.95 -4.21 21.49
N GLU B 181 27.44 -3.88 20.30
CA GLU B 181 28.10 -2.59 20.11
C GLU B 181 27.16 -1.44 20.42
N VAL B 182 25.86 -1.63 20.19
CA VAL B 182 24.86 -0.61 20.56
C VAL B 182 24.71 -0.56 22.08
N ILE B 183 24.55 -1.74 22.69
CA ILE B 183 24.48 -1.87 24.14
C ILE B 183 25.61 -1.06 24.77
N ARG B 184 26.84 -1.43 24.44
CA ARG B 184 28.03 -0.80 25.00
C ARG B 184 28.01 0.71 24.83
N MET B 185 27.74 1.17 23.61
CA MET B 185 27.64 2.60 23.29
C MET B 185 29.01 3.28 23.45
N GLN B 186 30.02 2.73 22.77
CA GLN B 186 31.35 3.36 22.77
C GLN B 186 31.28 4.71 22.08
N ASP B 187 30.60 4.75 20.93
CA ASP B 187 30.45 5.98 20.17
C ASP B 187 29.22 6.80 20.59
N LYS B 188 29.28 8.10 20.27
CA LYS B 188 28.08 8.90 20.15
C LYS B 188 27.08 8.06 19.35
N ASN B 189 27.44 7.76 18.10
CA ASN B 189 26.62 6.94 17.23
C ASN B 189 27.25 5.56 16.96
N PRO B 190 26.56 4.48 17.37
CA PRO B 190 26.98 3.10 17.10
C PRO B 190 26.10 2.40 16.06
N TYR B 191 25.09 3.10 15.55
CA TYR B 191 24.10 2.50 14.67
C TYR B 191 24.65 2.33 13.28
N SER B 192 24.30 1.19 12.68
CA SER B 192 24.83 0.81 11.38
C SER B 192 23.75 0.05 10.65
N PHE B 193 23.92 -0.16 9.35
CA PHE B 193 23.11 -1.14 8.67
C PHE B 193 23.17 -2.43 9.47
N GLN B 194 24.38 -2.77 9.92
CA GLN B 194 24.62 -3.99 10.69
C GLN B 194 23.86 -4.05 12.02
N SER B 195 23.67 -2.92 12.67
CA SER B 195 22.92 -2.89 13.94
C SER B 195 21.46 -3.23 13.72
N ASP B 196 20.92 -2.80 12.57
CA ASP B 196 19.57 -3.19 12.17
C ASP B 196 19.53 -4.70 11.94
N VAL B 197 20.55 -5.24 11.29
CA VAL B 197 20.57 -6.66 10.97
C VAL B 197 20.45 -7.51 12.24
N TYR B 198 21.19 -7.15 13.29
CA TYR B 198 21.11 -7.90 14.54
C TYR B 198 19.68 -7.92 15.08
N ALA B 199 19.07 -6.74 15.13
CA ALA B 199 17.68 -6.61 15.58
C ALA B 199 16.77 -7.55 14.81
N PHE B 200 16.93 -7.57 13.49
CA PHE B 200 16.20 -8.50 12.64
C PHE B 200 16.47 -9.96 13.02
N GLY B 201 17.71 -10.24 13.43
CA GLY B 201 18.10 -11.56 13.89
C GLY B 201 17.36 -11.96 15.14
N ILE B 202 17.06 -11.00 16.00
CA ILE B 202 16.25 -11.25 17.18
C ILE B 202 14.80 -11.43 16.77
N VAL B 203 14.33 -10.63 15.82
CA VAL B 203 12.97 -10.81 15.33
C VAL B 203 12.80 -12.23 14.73
N LEU B 204 13.84 -12.72 14.06
CA LEU B 204 13.84 -14.10 13.57
C LEU B 204 13.80 -15.07 14.72
N TYR B 205 14.42 -14.71 15.84
CA TYR B 205 14.35 -15.55 17.02
C TYR B 205 12.90 -15.65 17.47
N GLU B 206 12.25 -14.50 17.59
CA GLU B 206 10.88 -14.47 18.04
C GLU B 206 10.02 -15.36 17.16
N LEU B 207 10.20 -15.24 15.85
CA LEU B 207 9.40 -16.02 14.91
C LEU B 207 9.56 -17.51 15.14
N MET B 208 10.81 -17.98 15.17
CA MET B 208 11.10 -19.41 15.23
C MET B 208 10.96 -20.05 16.61
N THR B 209 11.01 -19.25 17.66
CA THR B 209 10.79 -19.75 19.01
C THR B 209 9.37 -19.46 19.49
N GLY B 210 8.75 -18.44 18.92
CA GLY B 210 7.48 -17.94 19.44
C GLY B 210 7.63 -17.22 20.77
N GLN B 211 8.88 -17.02 21.19
CA GLN B 211 9.20 -16.53 22.54
C GLN B 211 10.14 -15.35 22.48
N LEU B 212 10.19 -14.59 23.57
CA LEU B 212 11.23 -13.58 23.75
C LEU B 212 12.53 -14.26 24.16
N PRO B 213 13.67 -13.61 23.90
CA PRO B 213 14.95 -14.15 24.31
C PRO B 213 15.23 -13.94 25.79
N TYR B 214 16.21 -14.69 26.30
CA TYR B 214 16.66 -14.64 27.70
C TYR B 214 15.50 -14.68 28.71
N SER B 215 14.49 -15.49 28.41
CA SER B 215 13.29 -15.60 29.24
C SER B 215 13.56 -16.11 30.65
N ASN B 216 14.67 -16.83 30.85
CA ASN B 216 15.01 -17.40 32.15
C ASN B 216 15.91 -16.50 33.03
N ILE B 217 16.03 -15.23 32.65
CA ILE B 217 16.77 -14.24 33.44
C ILE B 217 15.84 -13.11 33.83
N ASN B 218 15.70 -12.86 35.13
CA ASN B 218 14.75 -11.86 35.63
C ASN B 218 15.33 -10.47 35.89
N ASN B 219 16.61 -10.28 35.59
CA ASN B 219 17.28 -9.01 35.87
C ASN B 219 17.68 -8.30 34.58
N ARG B 220 17.40 -7.01 34.51
CA ARG B 220 17.56 -6.26 33.28
C ARG B 220 19.01 -5.85 33.06
N ASP B 221 19.62 -5.28 34.10
CA ASP B 221 20.99 -4.76 34.00
C ASP B 221 22.00 -5.85 33.65
N GLN B 222 21.76 -7.06 34.14
CA GLN B 222 22.61 -8.20 33.80
C GLN B 222 22.49 -8.53 32.32
N ILE B 223 21.25 -8.67 31.84
CA ILE B 223 21.03 -8.92 30.41
C ILE B 223 21.82 -7.91 29.59
N ILE B 224 21.75 -6.65 29.99
CA ILE B 224 22.48 -5.59 29.32
C ILE B 224 23.98 -5.84 29.37
N PHE B 225 24.51 -5.97 30.58
CA PHE B 225 25.96 -6.15 30.78
C PHE B 225 26.50 -7.27 29.91
N MET B 226 25.82 -8.40 29.98
CA MET B 226 26.33 -9.63 29.40
C MET B 226 26.30 -9.61 27.88
N VAL B 227 25.14 -9.31 27.32
CA VAL B 227 25.00 -9.15 25.88
C VAL B 227 26.05 -8.18 25.39
N GLY B 228 26.24 -7.09 26.13
CA GLY B 228 27.29 -6.12 25.83
C GLY B 228 28.66 -6.75 25.77
N ARG B 229 28.98 -7.56 26.78
CA ARG B 229 30.28 -8.21 26.89
C ARG B 229 30.39 -9.51 26.09
N GLY B 230 29.36 -9.89 25.36
CA GLY B 230 29.39 -11.12 24.59
C GLY B 230 29.33 -12.39 25.42
N TYR B 231 28.92 -12.29 26.67
CA TYR B 231 28.78 -13.47 27.55
C TYR B 231 27.45 -14.13 27.33
N LEU B 232 26.47 -13.36 26.88
CA LEU B 232 25.13 -13.86 26.67
C LEU B 232 24.76 -13.74 25.19
N SER B 233 24.17 -14.79 24.62
CA SER B 233 23.62 -14.72 23.27
C SER B 233 22.39 -15.61 23.19
N PRO B 234 21.47 -15.32 22.26
CA PRO B 234 20.19 -16.07 22.17
C PRO B 234 20.33 -17.58 22.05
N ASP B 235 19.46 -18.31 22.76
CA ASP B 235 19.49 -19.77 22.82
C ASP B 235 18.77 -20.37 21.61
N LEU B 236 19.53 -20.67 20.56
CA LEU B 236 18.98 -21.08 19.29
C LEU B 236 18.41 -22.50 19.25
N SER B 237 18.71 -23.30 20.27
CA SER B 237 18.12 -24.63 20.37
C SER B 237 16.60 -24.57 20.55
N LYS B 238 16.11 -23.45 21.08
CA LYS B 238 14.69 -23.29 21.39
C LYS B 238 13.76 -23.17 20.19
N VAL B 239 14.32 -23.10 18.98
CA VAL B 239 13.50 -22.98 17.77
C VAL B 239 12.66 -24.23 17.51
N ARG B 240 11.52 -24.04 16.86
CA ARG B 240 10.65 -25.16 16.53
C ARG B 240 11.33 -26.10 15.54
N SER B 241 11.00 -27.39 15.62
CA SER B 241 11.76 -28.44 14.92
C SER B 241 11.57 -28.46 13.41
N ASN B 242 10.38 -28.08 12.94
CA ASN B 242 10.13 -27.94 11.51
C ASN B 242 10.81 -26.71 10.90
N CYS B 243 11.46 -25.89 11.73
CA CYS B 243 12.28 -24.77 11.26
C CYS B 243 13.51 -25.28 10.52
N PRO B 244 13.67 -24.87 9.26
CA PRO B 244 14.79 -25.31 8.44
C PRO B 244 16.17 -25.02 9.01
N LYS B 245 17.15 -25.72 8.45
CA LYS B 245 18.52 -25.72 8.94
C LYS B 245 19.25 -24.57 8.29
N ALA B 246 18.75 -24.15 7.12
CA ALA B 246 19.22 -22.93 6.47
C ALA B 246 18.77 -21.69 7.25
N MET B 247 17.58 -21.76 7.83
CA MET B 247 16.99 -20.62 8.54
C MET B 247 17.66 -20.38 9.89
N LYS B 248 18.02 -21.46 10.59
CA LYS B 248 18.83 -21.33 11.81
C LYS B 248 20.21 -20.79 11.47
N ARG B 249 20.82 -21.38 10.45
CA ARG B 249 22.12 -20.91 9.99
C ARG B 249 22.08 -19.42 9.69
N LEU B 250 21.00 -18.95 9.06
CA LEU B 250 20.85 -17.52 8.77
C LEU B 250 20.67 -16.70 10.03
N MET B 251 19.87 -17.22 10.94
CA MET B 251 19.63 -16.60 12.23
C MET B 251 20.94 -16.27 12.96
N ALA B 252 21.84 -17.25 12.99
CA ALA B 252 23.12 -17.10 13.67
C ALA B 252 24.01 -16.04 13.01
N GLU B 253 23.95 -15.95 11.68
CA GLU B 253 24.75 -14.98 10.92
C GLU B 253 24.37 -13.54 11.23
N CYS B 254 23.08 -13.29 11.42
CA CYS B 254 22.60 -11.95 11.77
C CYS B 254 22.88 -11.62 13.23
N LEU B 255 23.10 -12.65 14.04
CA LEU B 255 23.28 -12.46 15.47
C LEU B 255 24.75 -12.44 15.88
N LYS B 256 25.65 -12.55 14.91
CA LYS B 256 27.07 -12.58 15.23
C LYS B 256 27.41 -11.34 16.04
N LYS B 257 28.19 -11.54 17.09
CA LYS B 257 28.52 -10.46 18.02
C LYS B 257 29.42 -9.42 17.38
N LYS B 258 30.17 -9.83 16.36
CA LYS B 258 31.04 -8.91 15.61
C LYS B 258 30.29 -8.31 14.40
N ARG B 259 30.08 -7.00 14.44
CA ARG B 259 29.39 -6.25 13.38
C ARG B 259 29.62 -6.74 11.96
N ASP B 260 30.84 -6.55 11.46
CA ASP B 260 31.10 -6.71 10.03
C ASP B 260 31.27 -8.17 9.62
N GLU B 261 30.87 -9.08 10.50
CA GLU B 261 30.62 -10.46 10.10
C GLU B 261 29.13 -10.70 9.80
N ARG B 262 28.28 -9.77 10.21
CA ARG B 262 26.85 -9.87 9.92
C ARG B 262 26.61 -9.47 8.47
N PRO B 263 25.74 -10.21 7.76
CA PRO B 263 25.43 -9.91 6.36
C PRO B 263 24.45 -8.75 6.18
N LEU B 264 24.56 -8.03 5.07
CA LEU B 264 23.61 -7.00 4.73
C LEU B 264 22.41 -7.64 4.06
N PHE B 265 21.34 -6.87 3.89
CA PHE B 265 20.03 -7.43 3.57
C PHE B 265 19.88 -8.06 2.20
N PRO B 266 20.54 -7.49 1.18
CA PRO B 266 20.60 -8.22 -0.07
C PRO B 266 20.97 -9.70 0.10
N GLN B 267 21.96 -10.00 0.93
CA GLN B 267 22.40 -11.39 1.13
C GLN B 267 21.40 -12.20 1.96
N ILE B 268 20.78 -11.55 2.95
CA ILE B 268 19.75 -12.17 3.78
C ILE B 268 18.53 -12.54 2.94
N LEU B 269 18.10 -11.60 2.11
CA LEU B 269 16.94 -11.77 1.26
C LEU B 269 17.16 -12.94 0.27
N ALA B 270 18.36 -13.03 -0.28
CA ALA B 270 18.75 -14.14 -1.15
C ALA B 270 18.71 -15.47 -0.39
N SER B 271 19.29 -15.49 0.80
CA SER B 271 19.36 -16.69 1.63
C SER B 271 17.97 -17.28 1.85
N ILE B 272 17.01 -16.41 2.10
CA ILE B 272 15.64 -16.82 2.36
C ILE B 272 14.96 -17.31 1.10
N GLU B 273 14.94 -16.45 0.08
CA GLU B 273 14.33 -16.80 -1.21
C GLU B 273 14.78 -18.19 -1.69
N LEU B 274 16.05 -18.52 -1.44
CA LEU B 274 16.60 -19.83 -1.81
C LEU B 274 15.82 -20.96 -1.16
N LEU B 275 15.82 -20.98 0.18
CA LEU B 275 15.11 -22.01 0.92
C LEU B 275 13.59 -21.93 0.71
N ALA B 276 13.08 -20.69 0.54
CA ALA B 276 11.65 -20.45 0.31
C ALA B 276 11.06 -21.32 -0.81
N ARG B 277 11.66 -21.28 -2.00
CA ARG B 277 11.16 -22.11 -3.12
C ARG B 277 11.49 -23.60 -2.98
N SER B 278 12.03 -24.00 -1.82
CA SER B 278 12.15 -25.41 -1.46
C SER B 278 11.58 -25.69 -0.07
F1 1SW C . 3.16 2.56 -14.31
C2 1SW C . 2.39 1.45 -14.32
C3 1SW C . 2.95 0.19 -14.11
C4 1SW C . 2.15 -0.95 -14.12
C5 1SW C . 0.79 -0.82 -14.32
O6 1SW C . -0.02 -1.92 -14.35
C7 1SW C . 0.01 -2.97 -13.48
C8 1SW C . 0.42 -2.89 -12.16
C9 1SW C . 0.40 -3.99 -11.33
C10 1SW C . -0.03 -5.26 -11.79
N11 1SW C . -0.11 -6.45 -11.14
C12 1SW C . -0.58 -7.48 -11.77
N13 1SW C . -0.65 -8.79 -11.28
C14 1SW C . -1.22 -9.85 -11.92
O15 1SW C . -1.78 -9.69 -12.97
C16 1SW C . -1.14 -11.27 -11.40
C17 1SW C . -2.29 -12.24 -11.66
C18 1SW C . -1.95 -11.83 -10.23
S19 1SW C . -0.93 -6.99 -13.42
C20 1SW C . -0.45 -5.34 -13.11
C21 1SW C . -0.44 -4.21 -13.95
C22 1SW C . -0.88 -4.35 -15.31
N23 1SW C . -1.24 -4.53 -16.37
C24 1SW C . 0.23 0.44 -14.54
C25 1SW C . 1.02 1.58 -14.52
N26 1SW C . 0.54 2.89 -14.75
C27 1SW C . -0.49 3.52 -14.14
O28 1SW C . -1.16 2.98 -13.27
N29 1SW C . -0.75 4.78 -14.57
C30 1SW C . -1.76 5.67 -14.16
C31 1SW C . -2.08 6.72 -15.04
C32 1SW C . -3.06 7.65 -14.72
C33 1SW C . -3.73 7.54 -13.50
C34 1SW C . -3.42 6.51 -12.63
C35 1SW C . -2.44 5.57 -12.95
C36 1SW C . -4.16 6.39 -11.32
F37 1SW C . -4.87 7.57 -11.05
F38 1SW C . -5.02 5.28 -11.35
F39 1SW C . -3.24 6.16 -10.29
F1 1SW D . 3.40 8.98 11.45
C2 1SW D . 2.92 7.88 12.07
C3 1SW D . 1.56 7.76 12.27
C4 1SW D . 1.07 6.63 12.89
C5 1SW D . 1.95 5.63 13.29
O6 1SW D . 1.47 4.55 13.92
C7 1SW D . 0.41 3.76 13.52
C8 1SW D . -0.08 3.64 12.22
C9 1SW D . -1.15 2.78 11.95
C10 1SW D . -1.77 2.00 12.96
N11 1SW D . -2.81 1.12 12.90
C12 1SW D . -3.20 0.53 14.00
N13 1SW D . -4.23 -0.42 14.15
C14 1SW D . -4.72 -0.82 15.36
O15 1SW D . -4.30 -0.33 16.38
C16 1SW D . -5.80 -1.86 15.59
C17 1SW D . -6.13 -2.85 14.47
C18 1SW D . -7.15 -1.79 14.87
S19 1SW D . -2.17 1.10 15.31
C20 1SW D . -1.25 2.15 14.25
C21 1SW D . -0.17 3.01 14.54
C22 1SW D . 0.36 3.14 15.86
N23 1SW D . 0.75 3.22 16.93
C24 1SW D . 3.32 5.77 13.11
C25 1SW D . 3.82 6.90 12.46
N26 1SW D . 5.18 7.17 12.20
C27 1SW D . 6.19 6.34 11.79
O28 1SW D . 6.00 5.14 11.60
N29 1SW D . 7.41 6.92 11.61
C30 1SW D . 8.63 6.36 11.20
C31 1SW D . 9.80 6.92 11.69
C32 1SW D . 11.05 6.42 11.33
C33 1SW D . 11.13 5.34 10.45
C34 1SW D . 9.97 4.79 9.93
C35 1SW D . 8.72 5.29 10.30
C36 1SW D . 10.04 3.63 8.96
F37 1SW D . 11.37 3.36 8.61
F38 1SW D . 9.49 2.51 9.57
F39 1SW D . 9.34 3.92 7.78
#